data_4ONN
#
_entry.id   4ONN
#
_cell.length_a   44.730
_cell.length_b   74.533
_cell.length_c   91.531
_cell.angle_alpha   90.000
_cell.angle_beta   90.000
_cell.angle_gamma   90.000
#
_symmetry.space_group_name_H-M   'P 21 21 21'
#
loop_
_entity.id
_entity.type
_entity.pdbx_description
1 polymer 'Ubiquitin-conjugating enzyme E2 variant 2'
2 polymer 'Ubiquitin-conjugating enzyme E2 N'
3 non-polymer GLYCEROL
4 non-polymer 3-[(4-methylphenyl)sulfonyl]prop-2-enenitrile
5 water water
#
loop_
_entity_poly.entity_id
_entity_poly.type
_entity_poly.pdbx_seq_one_letter_code
_entity_poly.pdbx_strand_id
1 'polypeptide(L)'
;GPLGSPEFMAVSTGVKVPRNFRLLEELEEGQKGVGDGTVSWGLEDDEDMTLTRWTGMIIGPPRTNYENRIYSLKVECGPK
YPEAPPSVRFVTKINMNGINNSSGMVDARSIPVLAKWQNSYSIKVVLQELRRLMMSKENMKLPQPPEGQTYNN
;
A
2 'polypeptide(L)'
;GPLGSPEFMAGLPRRIIKETQRLLAEPVPGIKAEPDESNARYFHVVIAGPQDSPFEGGTFKLELFLPEEYPMAAPKVRFM
TKIYHPNVDKLGRICLDILKDKWSPALQIRTVLLSIQALLSAPNPDDPLANDVAEQWKTNEAQAIETARAWTRLYAMNNI
;
B
#
# COMPACT_ATOMS: atom_id res chain seq x y z
N GLY A 14 -0.75 20.14 -10.14
CA GLY A 14 -1.51 19.16 -9.39
C GLY A 14 -0.69 17.92 -9.10
N VAL A 15 -0.24 17.78 -7.86
CA VAL A 15 0.62 16.66 -7.49
C VAL A 15 -0.19 15.41 -7.19
N LYS A 16 -0.02 14.38 -8.03
CA LYS A 16 -0.68 13.11 -7.80
C LYS A 16 0.21 12.19 -6.97
N VAL A 17 -0.39 11.56 -5.97
CA VAL A 17 0.30 10.57 -5.18
C VAL A 17 0.18 9.25 -5.90
N PRO A 18 1.33 8.62 -6.21
CA PRO A 18 1.30 7.33 -6.91
C PRO A 18 0.50 6.26 -6.17
N ARG A 19 -0.12 5.37 -6.94
CA ARG A 19 -0.91 4.27 -6.40
C ARG A 19 -0.37 3.62 -5.12
N ASN A 20 0.88 3.18 -5.14
CA ASN A 20 1.34 2.41 -4.00
C ASN A 20 1.45 3.24 -2.74
N PHE A 21 1.85 4.50 -2.89
CA PHE A 21 1.93 5.34 -1.71
C PHE A 21 0.54 5.74 -1.21
N ARG A 22 -0.40 5.92 -2.12
CA ARG A 22 -1.79 6.14 -1.70
C ARG A 22 -2.32 4.93 -0.92
N LEU A 23 -2.07 3.74 -1.42
CA LEU A 23 -2.55 2.54 -0.75
C LEU A 23 -1.91 2.32 0.62
N LEU A 24 -0.64 2.70 0.79
CA LEU A 24 -0.01 2.65 2.10
C LEU A 24 -0.72 3.60 3.06
N GLU A 25 -1.15 4.76 2.56
CA GLU A 25 -1.91 5.72 3.37
C GLU A 25 -3.23 5.09 3.80
N GLU A 26 -3.90 4.44 2.86
CA GLU A 26 -5.18 3.77 3.18
C GLU A 26 -5.01 2.60 4.14
N LEU A 27 -3.87 1.92 4.05
CA LEU A 27 -3.56 0.83 4.99
C LEU A 27 -3.47 1.40 6.42
N GLU A 28 -2.69 2.46 6.60
CA GLU A 28 -2.56 3.10 7.91
C GLU A 28 -3.90 3.64 8.42
N GLU A 29 -4.69 4.26 7.56
CA GLU A 29 -6.00 4.75 7.99
C GLU A 29 -6.91 3.58 8.41
N GLY A 30 -6.86 2.49 7.65
CA GLY A 30 -7.67 1.31 7.96
C GLY A 30 -7.31 0.73 9.32
N GLN A 31 -6.03 0.74 9.65
CA GLN A 31 -5.59 0.23 10.95
C GLN A 31 -6.02 1.14 12.09
N LYS A 32 -6.01 2.45 11.84
CA LYS A 32 -6.44 3.42 12.84
C LYS A 32 -7.97 3.40 13.02
N GLY A 33 -8.69 3.07 11.95
CA GLY A 33 -10.15 3.08 11.97
C GLY A 33 -10.68 4.50 11.84
N VAL A 34 -11.94 4.62 11.41
CA VAL A 34 -12.53 5.95 11.27
C VAL A 34 -13.93 5.95 11.85
N GLY A 35 -14.35 7.12 12.33
CA GLY A 35 -15.72 7.31 12.76
C GLY A 35 -16.14 6.32 13.83
N ASP A 36 -17.32 5.73 13.66
CA ASP A 36 -17.89 4.85 14.67
C ASP A 36 -17.58 3.38 14.41
N GLY A 37 -16.70 3.12 13.45
CA GLY A 37 -16.24 1.78 13.17
C GLY A 37 -17.26 0.92 12.43
N THR A 38 -18.29 1.51 11.84
CA THR A 38 -19.29 0.74 11.12
C THR A 38 -18.85 0.32 9.71
N VAL A 39 -17.76 0.89 9.23
CA VAL A 39 -17.05 0.33 8.09
C VAL A 39 -15.59 0.17 8.43
N SER A 40 -14.97 -0.84 7.84
N SER A 40 -14.98 -0.87 7.89
CA SER A 40 -13.58 -1.09 8.10
CA SER A 40 -13.56 -1.09 8.09
C SER A 40 -12.97 -1.78 6.88
C SER A 40 -12.96 -1.75 6.86
N TRP A 41 -11.65 -1.68 6.75
CA TRP A 41 -10.96 -2.24 5.60
C TRP A 41 -9.55 -2.57 5.95
N GLY A 42 -9.01 -3.52 5.19
CA GLY A 42 -7.63 -3.91 5.39
C GLY A 42 -7.16 -4.82 4.28
N LEU A 43 -5.87 -5.12 4.25
CA LEU A 43 -5.35 -6.00 3.20
C LEU A 43 -5.83 -7.43 3.40
N GLU A 44 -6.24 -8.08 2.31
CA GLU A 44 -6.63 -9.48 2.39
C GLU A 44 -5.45 -10.39 2.75
N ASP A 45 -4.28 -10.09 2.19
CA ASP A 45 -3.07 -10.87 2.41
C ASP A 45 -1.98 -9.91 2.87
N ASP A 46 -1.50 -10.07 4.10
CA ASP A 46 -0.54 -9.11 4.66
C ASP A 46 0.85 -9.23 4.04
N GLU A 47 1.01 -10.14 3.10
CA GLU A 47 2.27 -10.25 2.38
C GLU A 47 2.14 -9.80 0.94
N ASP A 48 0.99 -9.23 0.60
CA ASP A 48 0.75 -8.77 -0.76
C ASP A 48 1.40 -7.41 -1.02
N MET A 49 2.63 -7.43 -1.52
CA MET A 49 3.36 -6.20 -1.81
C MET A 49 2.72 -5.36 -2.90
N THR A 50 1.83 -5.94 -3.69
CA THR A 50 1.17 -5.15 -4.72
C THR A 50 -0.01 -4.35 -4.17
N LEU A 51 -0.42 -4.67 -2.93
CA LEU A 51 -1.49 -3.92 -2.24
C LEU A 51 -2.81 -3.94 -3.04
N THR A 52 -3.08 -5.04 -3.72
CA THR A 52 -4.19 -5.08 -4.68
C THR A 52 -5.53 -5.51 -4.06
N ARG A 53 -5.49 -6.55 -3.25
CA ARG A 53 -6.73 -7.16 -2.75
C ARG A 53 -7.00 -6.78 -1.30
N TRP A 54 -8.17 -6.17 -1.09
CA TRP A 54 -8.55 -5.69 0.22
C TRP A 54 -9.83 -6.36 0.68
N THR A 55 -9.96 -6.48 1.99
CA THR A 55 -11.23 -6.89 2.59
C THR A 55 -11.95 -5.67 3.09
N GLY A 56 -13.23 -5.56 2.75
CA GLY A 56 -14.09 -4.51 3.29
C GLY A 56 -15.12 -5.12 4.24
N MET A 57 -15.52 -4.32 5.23
CA MET A 57 -16.56 -4.73 6.19
C MET A 57 -17.55 -3.58 6.31
N ILE A 58 -18.84 -3.90 6.23
CA ILE A 58 -19.89 -2.92 6.47
C ILE A 58 -20.86 -3.51 7.49
N ILE A 59 -21.11 -2.79 8.59
CA ILE A 59 -22.17 -3.19 9.50
C ILE A 59 -23.50 -2.68 8.96
N GLY A 60 -24.47 -3.57 8.74
CA GLY A 60 -25.75 -3.13 8.22
C GLY A 60 -26.37 -2.08 9.13
N PRO A 61 -26.94 -1.02 8.52
CA PRO A 61 -27.46 0.06 9.37
C PRO A 61 -28.80 -0.27 10.04
N PRO A 62 -29.04 0.33 11.20
CA PRO A 62 -30.27 0.08 11.97
C PRO A 62 -31.53 0.48 11.23
N ARG A 63 -32.63 -0.16 11.58
CA ARG A 63 -33.94 0.15 11.02
C ARG A 63 -33.98 -0.05 9.49
N THR A 64 -33.16 -0.99 9.00
CA THR A 64 -33.25 -1.49 7.63
C THR A 64 -33.20 -3.01 7.71
N ASN A 65 -33.49 -3.68 6.61
CA ASN A 65 -33.43 -5.13 6.63
C ASN A 65 -31.99 -5.66 6.67
N TYR A 66 -31.01 -4.74 6.57
CA TYR A 66 -29.62 -5.11 6.67
C TYR A 66 -29.13 -5.08 8.10
N GLU A 67 -29.97 -4.64 9.03
CA GLU A 67 -29.49 -4.35 10.40
C GLU A 67 -28.93 -5.58 11.14
N ASN A 68 -27.93 -5.35 11.98
CA ASN A 68 -27.35 -6.44 12.79
C ASN A 68 -26.69 -7.52 11.93
N ARG A 69 -26.26 -7.15 10.72
CA ARG A 69 -25.53 -8.09 9.87
C ARG A 69 -24.18 -7.50 9.53
N ILE A 70 -23.14 -8.34 9.62
CA ILE A 70 -21.82 -7.96 9.13
C ILE A 70 -21.64 -8.37 7.67
N TYR A 71 -21.41 -7.39 6.80
CA TYR A 71 -21.18 -7.66 5.39
C TYR A 71 -19.70 -7.63 5.10
N SER A 72 -19.20 -8.71 4.52
CA SER A 72 -17.82 -8.76 4.04
C SER A 72 -17.77 -8.55 2.55
N LEU A 73 -16.77 -7.80 2.10
CA LEU A 73 -16.61 -7.46 0.69
C LEU A 73 -15.16 -7.70 0.29
N LYS A 74 -14.96 -7.87 -1.02
CA LYS A 74 -13.63 -7.90 -1.62
C LYS A 74 -13.50 -6.66 -2.48
N VAL A 75 -12.41 -5.93 -2.28
CA VAL A 75 -12.19 -4.69 -3.02
C VAL A 75 -10.84 -4.82 -3.72
N GLU A 76 -10.85 -4.66 -5.04
CA GLU A 76 -9.61 -4.79 -5.80
C GLU A 76 -9.17 -3.45 -6.36
N CYS A 77 -7.95 -3.02 -6.00
CA CYS A 77 -7.44 -1.76 -6.49
C CYS A 77 -6.48 -2.07 -7.61
N GLY A 78 -6.90 -1.80 -8.84
CA GLY A 78 -6.12 -2.17 -10.00
C GLY A 78 -4.97 -1.21 -10.26
N PRO A 79 -4.28 -1.40 -11.38
CA PRO A 79 -3.08 -0.61 -11.71
C PRO A 79 -3.31 0.90 -11.83
N LYS A 80 -4.55 1.30 -12.11
CA LYS A 80 -4.86 2.70 -12.33
C LYS A 80 -5.49 3.36 -11.11
N TYR A 81 -5.70 2.59 -10.04
CA TYR A 81 -6.21 3.17 -8.79
C TYR A 81 -5.18 4.17 -8.23
N PRO A 82 -5.64 5.32 -7.70
CA PRO A 82 -7.01 5.79 -7.54
C PRO A 82 -7.50 6.73 -8.65
N GLU A 83 -6.83 6.76 -9.80
CA GLU A 83 -7.37 7.53 -10.93
C GLU A 83 -8.64 6.85 -11.42
N ALA A 84 -8.64 5.53 -11.31
CA ALA A 84 -9.80 4.72 -11.63
C ALA A 84 -10.36 4.10 -10.36
N PRO A 85 -11.67 3.83 -10.34
CA PRO A 85 -12.26 3.22 -9.15
C PRO A 85 -11.82 1.77 -8.94
N PRO A 86 -11.91 1.29 -7.70
CA PRO A 86 -11.64 -0.13 -7.44
C PRO A 86 -12.82 -0.99 -7.90
N SER A 87 -12.60 -2.28 -8.06
CA SER A 87 -13.69 -3.23 -8.31
C SER A 87 -14.18 -3.70 -6.97
N VAL A 88 -15.49 -3.88 -6.80
CA VAL A 88 -16.03 -4.25 -5.50
C VAL A 88 -17.01 -5.40 -5.65
N ARG A 89 -16.94 -6.39 -4.77
CA ARG A 89 -17.94 -7.45 -4.77
C ARG A 89 -18.28 -7.80 -3.33
N PHE A 90 -19.57 -8.02 -3.04
CA PHE A 90 -19.95 -8.58 -1.74
C PHE A 90 -19.65 -10.05 -1.72
N VAL A 91 -19.10 -10.49 -0.59
CA VAL A 91 -18.93 -11.90 -0.31
C VAL A 91 -20.19 -12.38 0.41
N THR A 92 -20.60 -11.65 1.45
CA THR A 92 -21.87 -11.89 2.14
C THR A 92 -23.05 -11.63 1.19
N LYS A 93 -24.02 -12.55 1.11
CA LYS A 93 -25.14 -12.36 0.19
C LYS A 93 -26.00 -11.19 0.61
N ILE A 94 -26.44 -10.41 -0.38
CA ILE A 94 -27.22 -9.21 -0.10
C ILE A 94 -28.17 -8.96 -1.26
N ASN A 95 -29.39 -8.51 -0.97
CA ASN A 95 -30.28 -8.01 -2.01
C ASN A 95 -30.24 -6.51 -1.93
N MET A 96 -29.70 -5.85 -2.96
CA MET A 96 -29.51 -4.40 -2.93
C MET A 96 -29.38 -3.91 -4.36
N ASN A 97 -30.03 -2.80 -4.69
CA ASN A 97 -29.92 -2.28 -6.04
C ASN A 97 -28.48 -1.99 -6.40
N GLY A 98 -28.08 -2.40 -7.58
CA GLY A 98 -26.69 -2.21 -7.99
C GLY A 98 -25.76 -3.36 -7.69
N ILE A 99 -26.23 -4.36 -6.95
CA ILE A 99 -25.43 -5.53 -6.61
C ILE A 99 -26.03 -6.72 -7.33
N ASN A 100 -25.21 -7.41 -8.12
CA ASN A 100 -25.72 -8.58 -8.82
C ASN A 100 -26.14 -9.61 -7.80
N ASN A 101 -27.41 -10.03 -7.83
CA ASN A 101 -27.92 -10.83 -6.72
C ASN A 101 -27.51 -12.30 -6.80
N SER A 102 -26.83 -12.66 -7.89
CA SER A 102 -26.32 -14.02 -8.01
C SER A 102 -24.81 -14.14 -7.75
N SER A 103 -24.06 -13.06 -7.98
CA SER A 103 -22.60 -13.09 -7.89
C SER A 103 -22.03 -12.17 -6.83
N GLY A 104 -22.80 -11.18 -6.40
CA GLY A 104 -22.29 -10.20 -5.45
C GLY A 104 -21.54 -9.04 -6.05
N MET A 105 -21.29 -9.07 -7.35
N MET A 105 -21.29 -9.08 -7.36
CA MET A 105 -20.51 -8.02 -7.98
CA MET A 105 -20.58 -8.00 -8.02
C MET A 105 -21.26 -6.70 -8.02
C MET A 105 -21.31 -6.68 -7.93
N VAL A 106 -20.57 -5.63 -7.60
CA VAL A 106 -21.15 -4.29 -7.56
C VAL A 106 -21.02 -3.65 -8.93
N ASP A 107 -22.16 -3.26 -9.51
CA ASP A 107 -22.17 -2.64 -10.83
C ASP A 107 -21.80 -1.18 -10.69
N ALA A 108 -20.62 -0.80 -11.19
CA ALA A 108 -20.12 0.56 -11.02
C ALA A 108 -21.13 1.57 -11.57
N ARG A 109 -21.78 1.23 -12.69
CA ARG A 109 -22.71 2.17 -13.32
C ARG A 109 -23.92 2.49 -12.42
N SER A 110 -24.24 1.60 -11.49
CA SER A 110 -25.40 1.77 -10.62
C SER A 110 -25.11 2.36 -9.24
N ILE A 111 -23.83 2.52 -8.89
CA ILE A 111 -23.45 3.09 -7.59
C ILE A 111 -22.76 4.42 -7.86
N PRO A 112 -23.40 5.53 -7.47
CA PRO A 112 -22.89 6.87 -7.83
C PRO A 112 -21.41 7.14 -7.51
N VAL A 113 -20.91 6.71 -6.36
CA VAL A 113 -19.51 6.96 -6.03
C VAL A 113 -18.54 6.32 -7.02
N LEU A 114 -18.95 5.17 -7.58
CA LEU A 114 -18.14 4.52 -8.59
C LEU A 114 -18.38 5.11 -9.99
N ALA A 115 -19.65 5.31 -10.34
CA ALA A 115 -20.00 5.83 -11.66
C ALA A 115 -19.42 7.22 -11.89
N LYS A 116 -19.34 8.00 -10.81
CA LYS A 116 -18.82 9.37 -10.85
C LYS A 116 -17.51 9.47 -10.07
N TRP A 117 -16.69 8.42 -10.17
CA TRP A 117 -15.46 8.35 -9.40
C TRP A 117 -14.54 9.56 -9.58
N GLN A 118 -13.96 10.00 -8.47
N GLN A 118 -13.98 10.04 -8.49
CA GLN A 118 -12.97 11.06 -8.42
CA GLN A 118 -12.93 11.05 -8.56
C GLN A 118 -11.73 10.50 -7.76
C GLN A 118 -11.74 10.54 -7.78
N ASN A 119 -10.54 10.99 -8.14
CA ASN A 119 -9.32 10.45 -7.53
C ASN A 119 -9.10 10.82 -6.06
N SER A 120 -10.00 11.65 -5.53
CA SER A 120 -9.97 12.01 -4.12
C SER A 120 -10.68 10.94 -3.30
N TYR A 121 -11.40 10.04 -3.95
CA TYR A 121 -12.12 9.00 -3.24
C TYR A 121 -11.17 7.89 -2.83
N SER A 122 -11.68 6.93 -2.06
CA SER A 122 -10.86 5.91 -1.42
C SER A 122 -11.72 4.73 -1.07
N ILE A 123 -11.09 3.66 -0.59
CA ILE A 123 -11.85 2.47 -0.19
C ILE A 123 -12.85 2.83 0.90
N LYS A 124 -12.41 3.61 1.89
CA LYS A 124 -13.31 4.14 2.93
C LYS A 124 -14.56 4.77 2.35
N VAL A 125 -14.37 5.65 1.37
CA VAL A 125 -15.51 6.36 0.79
C VAL A 125 -16.45 5.41 0.08
N VAL A 126 -15.93 4.40 -0.61
CA VAL A 126 -16.79 3.45 -1.29
C VAL A 126 -17.64 2.69 -0.26
N LEU A 127 -16.98 2.19 0.79
CA LEU A 127 -17.72 1.44 1.82
C LEU A 127 -18.77 2.31 2.53
N GLN A 128 -18.40 3.55 2.84
CA GLN A 128 -19.37 4.47 3.45
C GLN A 128 -20.57 4.72 2.53
N GLU A 129 -20.31 4.84 1.23
CA GLU A 129 -21.38 5.05 0.29
C GLU A 129 -22.30 3.85 0.25
N LEU A 130 -21.72 2.63 0.20
CA LEU A 130 -22.58 1.45 0.14
C LEU A 130 -23.42 1.36 1.40
N ARG A 131 -22.85 1.70 2.55
CA ARG A 131 -23.62 1.68 3.80
C ARG A 131 -24.76 2.73 3.77
N ARG A 132 -24.47 3.92 3.26
CA ARG A 132 -25.50 4.95 3.12
C ARG A 132 -26.61 4.47 2.18
N LEU A 133 -26.25 3.80 1.09
CA LEU A 133 -27.25 3.35 0.14
C LEU A 133 -28.13 2.24 0.72
N MET A 134 -27.60 1.51 1.70
CA MET A 134 -28.43 0.51 2.39
C MET A 134 -29.60 1.16 3.12
N MET A 135 -29.48 2.45 3.41
CA MET A 135 -30.57 3.18 4.07
C MET A 135 -31.56 3.83 3.08
N SER A 136 -31.30 3.69 1.79
N SER A 136 -31.30 3.70 1.79
CA SER A 136 -32.18 4.31 0.78
CA SER A 136 -32.18 4.32 0.80
C SER A 136 -33.54 3.62 0.75
C SER A 136 -33.54 3.63 0.81
N LYS A 137 -34.59 4.39 0.47
CA LYS A 137 -35.95 3.85 0.38
C LYS A 137 -36.04 2.63 -0.51
N GLU A 138 -35.27 2.61 -1.60
CA GLU A 138 -35.40 1.52 -2.56
C GLU A 138 -34.69 0.24 -2.12
N ASN A 139 -33.87 0.34 -1.07
CA ASN A 139 -33.10 -0.82 -0.56
C ASN A 139 -33.53 -1.31 0.82
N MET A 140 -33.89 -0.39 1.71
CA MET A 140 -34.01 -0.72 3.12
C MET A 140 -35.08 -1.75 3.45
N LYS A 141 -36.06 -1.91 2.58
CA LYS A 141 -37.12 -2.89 2.80
C LYS A 141 -37.02 -4.13 1.90
N LEU A 142 -35.92 -4.27 1.15
CA LEU A 142 -35.78 -5.48 0.35
C LEU A 142 -35.64 -6.70 1.27
N PRO A 143 -36.43 -7.75 1.02
CA PRO A 143 -36.23 -8.98 1.80
C PRO A 143 -34.87 -9.60 1.49
N GLN A 144 -34.19 -10.06 2.52
CA GLN A 144 -32.80 -10.47 2.39
C GLN A 144 -32.64 -11.98 2.35
N PRO A 145 -31.53 -12.45 1.78
CA PRO A 145 -31.23 -13.88 1.92
C PRO A 145 -30.91 -14.19 3.38
N PRO A 146 -30.87 -15.49 3.75
CA PRO A 146 -30.54 -15.86 5.13
C PRO A 146 -29.19 -15.32 5.57
N GLU A 147 -29.08 -14.97 6.85
CA GLU A 147 -27.85 -14.38 7.37
C GLU A 147 -26.68 -15.34 7.26
N GLY A 148 -25.53 -14.78 6.91
CA GLY A 148 -24.31 -15.56 6.88
C GLY A 148 -24.05 -16.29 5.57
N GLN A 149 -25.03 -16.33 4.67
CA GLN A 149 -24.79 -16.97 3.38
C GLN A 149 -23.81 -16.15 2.56
N THR A 150 -23.00 -16.84 1.76
CA THR A 150 -22.03 -16.19 0.88
C THR A 150 -22.15 -16.71 -0.54
N TYR A 151 -21.74 -15.88 -1.49
CA TYR A 151 -21.67 -16.29 -2.89
C TYR A 151 -20.53 -17.25 -3.13
N ASN A 152 -20.60 -18.01 -4.22
CA ASN A 152 -19.52 -18.90 -4.60
C ASN A 152 -18.36 -18.15 -5.27
N ASN A 153 -17.29 -18.88 -5.58
CA ASN A 153 -16.07 -18.29 -6.13
C ASN A 153 -15.42 -17.27 -5.20
N ALA B 10 5.78 27.43 -13.52
CA ALA B 10 4.61 26.56 -13.65
C ALA B 10 4.96 25.14 -13.24
N GLY B 11 6.26 24.89 -13.05
CA GLY B 11 6.74 23.54 -12.86
C GLY B 11 7.36 23.25 -11.52
N LEU B 12 8.29 22.32 -11.52
CA LEU B 12 8.91 21.81 -10.31
C LEU B 12 9.85 22.82 -9.67
N PRO B 13 10.00 22.75 -8.33
CA PRO B 13 10.99 23.60 -7.67
C PRO B 13 12.38 23.30 -8.19
N ARG B 14 13.26 24.30 -8.21
CA ARG B 14 14.63 24.12 -8.70
C ARG B 14 15.34 22.95 -8.03
N ARG B 15 15.11 22.79 -6.74
CA ARG B 15 15.78 21.72 -6.01
C ARG B 15 15.43 20.36 -6.58
N ILE B 16 14.17 20.17 -6.97
CA ILE B 16 13.79 18.88 -7.53
C ILE B 16 14.37 18.67 -8.92
N ILE B 17 14.38 19.73 -9.73
CA ILE B 17 15.02 19.64 -11.03
C ILE B 17 16.49 19.27 -10.82
N LYS B 18 17.12 19.97 -9.89
CA LYS B 18 18.53 19.74 -9.54
C LYS B 18 18.83 18.30 -9.10
N GLU B 19 18.06 17.79 -8.13
CA GLU B 19 18.32 16.46 -7.60
C GLU B 19 18.05 15.35 -8.62
N THR B 20 16.96 15.50 -9.37
CA THR B 20 16.62 14.57 -10.45
C THR B 20 17.75 14.49 -11.45
N GLN B 21 18.20 15.64 -11.93
CA GLN B 21 19.17 15.70 -13.01
C GLN B 21 20.56 15.22 -12.57
N ARG B 22 20.91 15.45 -11.31
CA ARG B 22 22.20 15.01 -10.78
C ARG B 22 22.20 13.52 -10.51
N LEU B 23 21.03 12.98 -10.19
CA LEU B 23 20.86 11.55 -9.99
C LEU B 23 21.12 10.76 -11.28
N LEU B 24 20.72 11.35 -12.40
CA LEU B 24 20.86 10.70 -13.70
C LEU B 24 22.21 11.00 -14.34
N ALA B 25 22.91 12.00 -13.81
CA ALA B 25 24.21 12.37 -14.33
C ALA B 25 25.31 11.74 -13.48
N GLU B 26 25.08 11.66 -12.18
CA GLU B 26 26.06 11.09 -11.26
C GLU B 26 25.40 10.09 -10.29
N PRO B 27 24.97 8.93 -10.81
CA PRO B 27 24.28 7.91 -10.01
C PRO B 27 25.14 7.39 -8.87
N VAL B 28 24.50 7.03 -7.76
CA VAL B 28 25.20 6.34 -6.68
C VAL B 28 25.67 4.99 -7.22
N PRO B 29 26.93 4.63 -6.97
CA PRO B 29 27.42 3.30 -7.35
C PRO B 29 26.48 2.21 -6.84
N GLY B 30 26.07 1.27 -7.69
CA GLY B 30 25.22 0.17 -7.27
C GLY B 30 23.74 0.51 -7.22
N ILE B 31 23.39 1.72 -7.63
CA ILE B 31 22.01 2.17 -7.57
C ILE B 31 21.60 2.82 -8.89
N LYS B 32 20.51 2.33 -9.47
CA LYS B 32 19.94 2.95 -10.64
C LYS B 32 18.67 3.66 -10.22
N ALA B 33 18.45 4.87 -10.71
CA ALA B 33 17.27 5.64 -10.33
C ALA B 33 16.72 6.43 -11.50
N GLU B 34 15.52 6.05 -11.94
CA GLU B 34 14.96 6.59 -13.18
C GLU B 34 13.57 7.18 -12.97
N PRO B 35 13.23 8.23 -13.73
CA PRO B 35 11.93 8.89 -13.53
C PRO B 35 10.78 8.08 -14.08
N ASP B 36 9.60 8.22 -13.46
CA ASP B 36 8.39 7.60 -13.96
C ASP B 36 7.90 8.32 -15.21
N GLU B 37 7.25 7.59 -16.11
CA GLU B 37 6.85 8.18 -17.40
C GLU B 37 5.63 9.11 -17.30
N SER B 38 4.98 9.16 -16.14
CA SER B 38 3.78 9.96 -15.98
C SER B 38 3.85 10.99 -14.85
N ASN B 39 4.64 10.67 -13.83
CA ASN B 39 4.70 11.45 -12.61
C ASN B 39 6.13 11.90 -12.33
N ALA B 40 6.39 13.20 -12.43
CA ALA B 40 7.75 13.71 -12.31
C ALA B 40 8.28 13.72 -10.87
N ARG B 41 7.46 13.27 -9.92
CA ARG B 41 7.92 13.17 -8.53
C ARG B 41 8.13 11.72 -8.11
N TYR B 42 7.96 10.81 -9.05
CA TYR B 42 7.96 9.38 -8.76
C TYR B 42 9.14 8.75 -9.49
N PHE B 43 9.93 7.97 -8.76
CA PHE B 43 11.12 7.34 -9.33
C PHE B 43 11.20 5.85 -9.08
N HIS B 44 11.70 5.15 -10.10
CA HIS B 44 11.86 3.71 -10.03
C HIS B 44 13.33 3.44 -9.81
N VAL B 45 13.64 2.80 -8.69
CA VAL B 45 15.02 2.62 -8.27
C VAL B 45 15.36 1.12 -8.25
N VAL B 46 16.59 0.77 -8.60
CA VAL B 46 17.07 -0.58 -8.39
C VAL B 46 18.35 -0.51 -7.57
N ILE B 47 18.40 -1.21 -6.44
CA ILE B 47 19.59 -1.25 -5.61
C ILE B 47 20.21 -2.64 -5.70
N ALA B 48 21.49 -2.69 -6.07
CA ALA B 48 22.23 -3.95 -6.08
C ALA B 48 22.51 -4.38 -4.64
N GLY B 49 22.37 -5.67 -4.33
CA GLY B 49 22.75 -6.14 -3.01
C GLY B 49 24.21 -5.80 -2.75
N PRO B 50 24.52 -5.24 -1.58
CA PRO B 50 25.88 -4.77 -1.34
C PRO B 50 26.92 -5.89 -1.25
N GLN B 51 28.15 -5.59 -1.64
CA GLN B 51 29.25 -6.53 -1.56
C GLN B 51 29.35 -7.13 -0.17
N ASP B 52 29.48 -8.44 -0.11
CA ASP B 52 29.70 -9.21 1.11
C ASP B 52 28.45 -9.37 2.00
N SER B 53 27.30 -8.93 1.51
CA SER B 53 26.04 -9.08 2.24
C SER B 53 25.35 -10.34 1.70
N PRO B 54 24.34 -10.88 2.42
CA PRO B 54 23.66 -12.03 1.83
C PRO B 54 22.73 -11.63 0.70
N PHE B 55 22.66 -10.33 0.41
CA PHE B 55 21.90 -9.85 -0.72
C PHE B 55 22.75 -9.67 -1.98
N GLU B 56 24.06 -9.92 -1.85
CA GLU B 56 24.99 -9.75 -2.97
C GLU B 56 24.59 -10.58 -4.19
N GLY B 57 24.59 -9.98 -5.38
CA GLY B 57 24.21 -10.67 -6.59
C GLY B 57 22.75 -10.40 -6.93
N GLY B 58 21.99 -9.98 -5.95
CA GLY B 58 20.58 -9.65 -6.16
C GLY B 58 20.37 -8.20 -6.56
N THR B 59 19.23 -7.95 -7.20
CA THR B 59 18.81 -6.60 -7.55
C THR B 59 17.43 -6.36 -6.96
N PHE B 60 17.28 -5.24 -6.27
CA PHE B 60 16.07 -4.98 -5.50
C PHE B 60 15.37 -3.73 -5.99
N LYS B 61 14.11 -3.87 -6.38
CA LYS B 61 13.34 -2.72 -6.85
C LYS B 61 12.86 -1.93 -5.66
N LEU B 62 12.94 -0.62 -5.80
CA LEU B 62 12.42 0.29 -4.79
C LEU B 62 11.67 1.39 -5.52
N GLU B 63 10.65 1.96 -4.89
CA GLU B 63 10.03 3.14 -5.45
C GLU B 63 10.21 4.33 -4.52
N LEU B 64 10.33 5.53 -5.09
CA LEU B 64 10.56 6.73 -4.31
C LEU B 64 9.62 7.81 -4.80
N PHE B 65 9.00 8.53 -3.87
CA PHE B 65 8.07 9.61 -4.20
C PHE B 65 8.44 10.88 -3.43
N LEU B 66 8.44 12.01 -4.13
CA LEU B 66 8.70 13.31 -3.49
C LEU B 66 7.37 14.05 -3.29
N PRO B 67 6.88 14.06 -2.04
CA PRO B 67 5.56 14.63 -1.77
C PRO B 67 5.54 16.14 -1.96
N GLU B 68 4.33 16.72 -2.00
CA GLU B 68 4.15 18.13 -2.26
C GLU B 68 5.07 19.02 -1.44
N GLU B 69 5.27 18.64 -0.19
CA GLU B 69 5.98 19.50 0.75
C GLU B 69 7.48 19.25 0.79
N TYR B 70 7.97 18.31 -0.01
CA TYR B 70 9.41 18.10 -0.14
C TYR B 70 10.09 19.41 -0.53
N PRO B 71 11.21 19.76 0.13
CA PRO B 71 11.93 18.95 1.12
C PRO B 71 11.58 19.19 2.60
N MET B 72 10.53 19.93 2.92
CA MET B 72 10.09 20.03 4.31
C MET B 72 9.63 18.65 4.78
N ALA B 73 8.96 17.94 3.88
CA ALA B 73 8.50 16.59 4.14
C ALA B 73 9.51 15.59 3.58
N ALA B 74 9.64 14.46 4.26
CA ALA B 74 10.56 13.42 3.85
C ALA B 74 10.13 12.78 2.51
N PRO B 75 11.10 12.29 1.74
CA PRO B 75 10.71 11.49 0.59
C PRO B 75 10.09 10.19 1.09
N LYS B 76 9.23 9.59 0.28
CA LYS B 76 8.62 8.32 0.65
C LYS B 76 9.30 7.23 -0.17
N VAL B 77 9.67 6.13 0.48
CA VAL B 77 10.38 5.06 -0.22
C VAL B 77 9.87 3.71 0.26
N ARG B 78 9.86 2.74 -0.65
CA ARG B 78 9.43 1.37 -0.29
C ARG B 78 10.11 0.39 -1.21
N PHE B 79 10.50 -0.78 -0.67
CA PHE B 79 10.91 -1.89 -1.53
C PHE B 79 9.70 -2.50 -2.23
N MET B 80 9.89 -2.89 -3.50
CA MET B 80 8.86 -3.60 -4.23
C MET B 80 9.31 -5.01 -4.57
N THR B 81 10.50 -5.36 -4.12
CA THR B 81 11.01 -6.73 -4.19
C THR B 81 11.02 -7.32 -2.79
N LYS B 82 10.50 -8.53 -2.64
CA LYS B 82 10.47 -9.21 -1.33
C LYS B 82 11.89 -9.43 -0.82
N ILE B 83 12.14 -9.09 0.44
CA ILE B 83 13.49 -9.18 0.99
C ILE B 83 13.41 -9.60 2.45
N TYR B 84 14.35 -10.43 2.89
CA TYR B 84 14.34 -10.93 4.25
C TYR B 84 15.31 -10.11 5.07
N HIS B 85 14.80 -9.24 5.93
CA HIS B 85 15.66 -8.24 6.56
C HIS B 85 14.90 -7.71 7.77
N PRO B 86 15.58 -7.54 8.91
CA PRO B 86 14.85 -7.16 10.15
C PRO B 86 14.25 -5.75 10.09
N ASN B 87 14.72 -4.92 9.17
CA ASN B 87 14.25 -3.55 9.11
C ASN B 87 13.44 -3.22 7.86
N VAL B 88 13.05 -4.24 7.11
CA VAL B 88 12.14 -4.05 5.98
C VAL B 88 11.00 -5.03 6.19
N ASP B 89 9.78 -4.53 6.16
CA ASP B 89 8.65 -5.40 6.49
C ASP B 89 8.09 -6.16 5.28
N LYS B 90 6.99 -6.89 5.51
CA LYS B 90 6.42 -7.74 4.47
C LYS B 90 5.88 -6.98 3.26
N LEU B 91 5.59 -5.70 3.45
CA LEU B 91 5.12 -4.86 2.36
C LEU B 91 6.21 -3.94 1.81
N GLY B 92 7.44 -4.13 2.27
CA GLY B 92 8.56 -3.36 1.74
C GLY B 92 8.84 -2.05 2.45
N ARG B 93 8.11 -1.77 3.53
CA ARG B 93 8.32 -0.52 4.24
C ARG B 93 9.63 -0.57 4.99
N ILE B 94 10.33 0.56 5.03
CA ILE B 94 11.69 0.59 5.52
C ILE B 94 11.72 1.33 6.85
N CYS B 95 12.34 0.74 7.86
CA CYS B 95 12.55 1.45 9.11
C CYS B 95 13.90 2.12 9.08
N LEU B 96 13.89 3.41 8.84
CA LEU B 96 15.09 4.20 8.74
C LEU B 96 14.72 5.56 9.33
N ASP B 97 15.47 5.99 10.35
CA ASP B 97 15.14 7.19 11.11
C ASP B 97 14.99 8.42 10.23
N ILE B 98 15.82 8.52 9.21
CA ILE B 98 15.81 9.70 8.36
C ILE B 98 14.61 9.75 7.41
N LEU B 99 13.79 8.70 7.41
CA LEU B 99 12.56 8.70 6.63
C LEU B 99 11.39 9.17 7.48
N LYS B 100 11.67 9.43 8.76
CA LYS B 100 10.63 9.85 9.71
C LYS B 100 11.15 10.86 10.72
N ASP B 101 11.55 10.35 11.89
CA ASP B 101 12.08 11.16 13.00
C ASP B 101 13.08 12.21 12.58
N LYS B 102 14.14 11.76 11.91
CA LYS B 102 15.32 12.55 11.70
C LYS B 102 15.42 13.14 10.29
N TRP B 103 14.31 13.20 9.56
CA TRP B 103 14.34 13.91 8.30
C TRP B 103 14.46 15.41 8.55
N SER B 104 15.21 16.08 7.67
CA SER B 104 15.29 17.53 7.66
C SER B 104 15.57 17.96 6.23
N PRO B 105 15.19 19.20 5.85
CA PRO B 105 15.41 19.70 4.49
C PRO B 105 16.88 19.70 4.06
N ALA B 106 17.79 19.68 5.02
CA ALA B 106 19.21 19.64 4.71
C ALA B 106 19.60 18.31 4.05
N LEU B 107 18.87 17.24 4.39
CA LEU B 107 19.09 15.95 3.78
C LEU B 107 18.52 15.93 2.37
N GLN B 108 18.93 14.97 1.56
CA GLN B 108 18.44 14.89 0.19
C GLN B 108 18.13 13.46 -0.20
N ILE B 109 17.64 13.28 -1.42
CA ILE B 109 17.31 11.95 -1.94
C ILE B 109 18.51 11.01 -1.90
N ARG B 110 19.67 11.54 -2.29
N ARG B 110 19.67 11.53 -2.30
CA ARG B 110 20.89 10.75 -2.39
CA ARG B 110 20.87 10.71 -2.38
C ARG B 110 21.30 10.17 -1.04
C ARG B 110 21.26 10.14 -1.02
N THR B 111 21.10 10.96 0.02
CA THR B 111 21.38 10.51 1.39
C THR B 111 20.51 9.32 1.77
N VAL B 112 19.26 9.36 1.30
CA VAL B 112 18.32 8.30 1.58
C VAL B 112 18.77 7.00 0.90
N LEU B 113 19.12 7.10 -0.37
CA LEU B 113 19.46 5.88 -1.12
C LEU B 113 20.71 5.24 -0.57
N LEU B 114 21.67 6.07 -0.19
CA LEU B 114 22.89 5.62 0.47
C LEU B 114 22.61 4.95 1.80
N SER B 115 21.69 5.54 2.56
CA SER B 115 21.35 5.00 3.86
C SER B 115 20.70 3.63 3.70
N ILE B 116 19.89 3.48 2.66
CA ILE B 116 19.19 2.22 2.43
C ILE B 116 20.17 1.12 2.03
N GLN B 117 21.08 1.46 1.13
CA GLN B 117 22.15 0.53 0.75
C GLN B 117 22.91 0.08 2.00
N ALA B 118 23.26 1.02 2.86
CA ALA B 118 24.02 0.73 4.07
C ALA B 118 23.22 -0.15 5.01
N LEU B 119 21.92 0.03 5.04
CA LEU B 119 21.05 -0.80 5.87
C LEU B 119 21.07 -2.27 5.41
N LEU B 120 21.11 -2.49 4.10
CA LEU B 120 21.21 -3.85 3.58
C LEU B 120 22.57 -4.42 3.95
N SER B 121 23.62 -3.59 3.95
CA SER B 121 24.97 -4.00 4.31
C SER B 121 25.11 -4.29 5.82
N ALA B 122 24.35 -3.57 6.64
CA ALA B 122 24.40 -3.79 8.10
C ALA B 122 23.01 -3.77 8.73
N PRO B 123 22.29 -4.90 8.63
CA PRO B 123 20.95 -5.02 9.21
C PRO B 123 21.00 -4.79 10.72
N ASN B 124 19.91 -4.26 11.27
CA ASN B 124 19.88 -3.96 12.70
C ASN B 124 18.71 -4.64 13.41
N PRO B 125 18.90 -5.89 13.82
CA PRO B 125 17.83 -6.64 14.49
C PRO B 125 17.59 -6.13 15.90
N ASP B 126 18.43 -5.24 16.39
N ASP B 126 18.45 -5.22 16.34
CA ASP B 126 18.22 -4.75 17.76
CA ASP B 126 18.39 -4.67 17.69
C ASP B 126 17.42 -3.47 17.79
C ASP B 126 17.44 -3.49 17.78
N ASP B 127 16.98 -2.99 16.64
CA ASP B 127 16.08 -1.85 16.59
C ASP B 127 14.77 -2.23 17.25
N PRO B 128 14.28 -1.38 18.17
CA PRO B 128 13.04 -1.61 18.92
C PRO B 128 11.88 -1.96 17.99
N LEU B 129 11.91 -1.41 16.78
CA LEU B 129 10.79 -1.55 15.87
C LEU B 129 11.04 -2.59 14.78
N ALA B 130 12.10 -3.39 14.96
CA ALA B 130 12.43 -4.43 13.99
C ALA B 130 11.27 -5.41 13.89
N ASN B 131 11.10 -6.03 12.72
CA ASN B 131 9.97 -6.96 12.53
C ASN B 131 10.21 -8.33 13.18
N ASP B 132 9.31 -9.28 12.97
CA ASP B 132 9.43 -10.59 13.64
C ASP B 132 10.62 -11.42 13.17
N VAL B 133 11.26 -11.00 12.08
CA VAL B 133 12.46 -11.64 11.59
C VAL B 133 13.67 -11.35 12.50
N ALA B 134 13.55 -10.30 13.31
CA ALA B 134 14.67 -9.87 14.16
C ALA B 134 15.09 -10.91 15.18
N GLU B 135 14.11 -11.62 15.74
CA GLU B 135 14.38 -12.66 16.71
C GLU B 135 15.30 -13.73 16.15
N GLN B 136 15.04 -14.12 14.90
CA GLN B 136 15.86 -15.10 14.22
C GLN B 136 17.27 -14.56 13.99
N TRP B 137 17.35 -13.29 13.60
N TRP B 137 17.37 -13.29 13.59
CA TRP B 137 18.63 -12.66 13.34
CA TRP B 137 18.67 -12.67 13.34
C TRP B 137 19.48 -12.57 14.61
C TRP B 137 19.49 -12.58 14.62
N LYS B 138 18.83 -12.34 15.75
CA LYS B 138 19.51 -12.21 17.04
C LYS B 138 20.01 -13.55 17.57
N THR B 139 19.17 -14.57 17.49
CA THR B 139 19.42 -15.84 18.17
C THR B 139 20.08 -16.91 17.30
N ASN B 140 19.88 -16.81 15.99
CA ASN B 140 20.49 -17.74 15.05
C ASN B 140 20.85 -16.97 13.79
N GLU B 141 21.84 -16.09 13.91
CA GLU B 141 22.24 -15.21 12.83
C GLU B 141 22.66 -15.97 11.57
N ALA B 142 23.33 -17.10 11.76
CA ALA B 142 23.74 -17.92 10.62
C ALA B 142 22.56 -18.35 9.78
N GLN B 143 21.51 -18.82 10.45
CA GLN B 143 20.31 -19.26 9.75
C GLN B 143 19.59 -18.09 9.10
N ALA B 144 19.53 -16.96 9.80
CA ALA B 144 18.85 -15.78 9.25
C ALA B 144 19.55 -15.30 7.99
N ILE B 145 20.88 -15.26 8.03
CA ILE B 145 21.66 -14.84 6.86
C ILE B 145 21.44 -15.80 5.70
N GLU B 146 21.39 -17.10 5.98
CA GLU B 146 21.13 -18.06 4.92
C GLU B 146 19.73 -17.88 4.35
N THR B 147 18.75 -17.57 5.19
CA THR B 147 17.39 -17.30 4.71
C THR B 147 17.38 -16.03 3.84
N ALA B 148 18.14 -15.01 4.23
CA ALA B 148 18.23 -13.80 3.41
C ALA B 148 18.80 -14.14 2.04
N ARG B 149 19.80 -15.01 2.00
CA ARG B 149 20.36 -15.46 0.73
C ARG B 149 19.34 -16.27 -0.07
N ALA B 150 18.59 -17.15 0.60
CA ALA B 150 17.56 -17.91 -0.07
C ALA B 150 16.54 -16.99 -0.71
N TRP B 151 16.10 -15.97 0.01
CA TRP B 151 15.14 -15.04 -0.57
C TRP B 151 15.73 -14.18 -1.69
N THR B 152 17.01 -13.88 -1.61
CA THR B 152 17.70 -13.21 -2.71
C THR B 152 17.63 -14.10 -3.96
N ARG B 153 17.91 -15.39 -3.79
CA ARG B 153 17.85 -16.34 -4.94
C ARG B 153 16.45 -16.40 -5.52
N LEU B 154 15.44 -16.39 -4.66
CA LEU B 154 14.07 -16.61 -5.09
C LEU B 154 13.42 -15.39 -5.71
N TYR B 155 13.75 -14.20 -5.20
CA TYR B 155 12.97 -13.03 -5.53
C TYR B 155 13.77 -11.92 -6.18
N ALA B 156 15.08 -11.95 -6.06
CA ALA B 156 15.90 -10.81 -6.48
C ALA B 156 16.89 -11.08 -7.62
N MET B 157 16.71 -12.19 -8.35
CA MET B 157 17.67 -12.52 -9.41
C MET B 157 17.13 -12.32 -10.82
N ASN B 158 15.86 -11.94 -10.92
CA ASN B 158 15.26 -11.58 -12.20
C ASN B 158 14.48 -10.28 -12.09
#